data_8Z5A
#
_entry.id   8Z5A
#
_cell.length_a   74.463
_cell.length_b   76.435
_cell.length_c   127.866
_cell.angle_alpha   90.000
_cell.angle_beta   90.000
_cell.angle_gamma   90.000
#
_symmetry.space_group_name_H-M   'P 21 21 21'
#
loop_
_entity.id
_entity.type
_entity.pdbx_description
1 polymer 'Nuclear receptor subfamily 4immunitygroup A member 1'
2 non-polymer GLYCEROL
3 non-polymer 5-[[4-[4-methyl-2-(methylamino)-1,3-thiazol-5-yl]pyrimidin-2-yl]amino]-~{N}-(3-morpholin-4-ylpropyl)-1~{H}-indole-2-carboxamide
4 water water
#
_entity_poly.entity_id   1
_entity_poly.type   'polypeptide(L)'
_entity_poly.pdbx_seq_one_letter_code
;SKPKQPPDASPANLLTSLVRAHLDSGPSTAKLDYSKFQELVLPHFGKEDAGDVQQFYDLLSGSLEVIRKWAEKIPGFAEL
SPADQDLLLESAFLELFILRLAYRSKPGEGKLIFCSGLVLHRLQCARGFGDWIDSILAFSRSLHSLLVDVPAFACLSALV
LITDRHGLQEPRRVEELQNRIASCLKEHVAAVAGEPQPASCLSRLLGKLPELRTLCTQGLQRIFYLKLEDLVPPPPIIDK
IFMDTLPF
;
_entity_poly.pdbx_strand_id   B,A
#
loop_
_chem_comp.id
_chem_comp.type
_chem_comp.name
_chem_comp.formula
A1D72 non-polymer 5-[[4-[4-methyl-2-(methylamino)-1,3-thiazol-5-yl]pyrimidin-2-yl]amino]-~{N}-(3-morpholin-4-ylpropyl)-1~{H}-indole-2-carboxamide 'C25 H30 N8 O2 S'
GOL non-polymer GLYCEROL 'C3 H8 O3'
#
# COMPACT_ATOMS: atom_id res chain seq x y z
N ASN A 13 -4.22 -39.65 -15.50
CA ASN A 13 -3.41 -40.12 -14.34
C ASN A 13 -2.64 -38.95 -13.70
N LEU A 14 -2.05 -38.07 -14.52
CA LEU A 14 -1.62 -36.72 -14.03
C LEU A 14 -2.85 -36.05 -13.42
N LEU A 15 -3.96 -36.02 -14.17
CA LEU A 15 -5.22 -35.35 -13.76
C LEU A 15 -5.71 -35.97 -12.44
N THR A 16 -5.75 -37.31 -12.38
CA THR A 16 -6.18 -38.13 -11.21
C THR A 16 -5.31 -37.75 -10.01
N SER A 17 -3.99 -37.66 -10.22
CA SER A 17 -3.01 -37.27 -9.19
C SER A 17 -3.31 -35.82 -8.74
N LEU A 18 -3.53 -34.91 -9.69
CA LEU A 18 -3.78 -33.47 -9.36
C LEU A 18 -5.10 -33.40 -8.57
N VAL A 19 -6.12 -34.19 -8.94
CA VAL A 19 -7.47 -34.16 -8.28
C VAL A 19 -7.34 -34.72 -6.86
N ARG A 20 -6.57 -35.80 -6.70
CA ARG A 20 -6.30 -36.43 -5.39
C ARG A 20 -5.63 -35.38 -4.48
N ALA A 21 -4.62 -34.67 -4.99
CA ALA A 21 -3.83 -33.72 -4.21
C ALA A 21 -4.74 -32.57 -3.75
N HIS A 22 -5.52 -32.00 -4.67
CA HIS A 22 -6.52 -30.94 -4.36
C HIS A 22 -7.48 -31.42 -3.25
N LEU A 23 -8.16 -32.53 -3.43
CA LEU A 23 -9.27 -32.92 -2.53
C LEU A 23 -8.74 -33.29 -1.14
N ASP A 24 -7.50 -33.77 -1.05
CA ASP A 24 -6.86 -34.16 0.24
C ASP A 24 -6.35 -32.94 0.99
N SER A 25 -6.29 -31.76 0.34
CA SER A 25 -5.65 -30.51 0.90
C SER A 25 -6.66 -29.59 1.58
N GLY A 26 -7.94 -29.95 1.61
CA GLY A 26 -9.02 -29.13 2.17
C GLY A 26 -9.97 -29.96 3.04
N PRO A 27 -10.88 -29.29 3.80
CA PRO A 27 -11.70 -29.99 4.79
C PRO A 27 -12.83 -30.76 4.09
N SER A 28 -13.19 -31.93 4.61
CA SER A 28 -14.44 -32.62 4.22
C SER A 28 -15.60 -31.66 4.48
N THR A 29 -16.66 -31.70 3.67
CA THR A 29 -17.91 -30.94 3.87
C THR A 29 -18.47 -31.26 5.27
N ALA A 30 -18.03 -32.36 5.89
CA ALA A 30 -18.40 -32.80 7.25
C ALA A 30 -17.50 -32.17 8.33
N LYS A 31 -16.22 -31.88 8.06
CA LYS A 31 -15.26 -31.30 9.05
C LYS A 31 -15.38 -29.76 9.09
N LEU A 32 -16.35 -29.20 8.37
CA LEU A 32 -16.74 -27.78 8.43
C LEU A 32 -17.12 -27.42 9.88
N ASP A 33 -16.66 -26.25 10.32
CA ASP A 33 -16.78 -25.72 11.70
C ASP A 33 -17.53 -24.39 11.67
N TYR A 34 -18.80 -24.42 12.04
CA TYR A 34 -19.71 -23.26 12.08
C TYR A 34 -19.80 -22.67 13.49
N SER A 35 -19.00 -23.16 14.47
CA SER A 35 -19.11 -22.77 15.91
C SER A 35 -18.78 -21.27 16.15
N LYS A 36 -18.06 -20.62 15.24
CA LYS A 36 -17.59 -19.22 15.36
C LYS A 36 -18.39 -18.34 14.39
N PHE A 37 -19.18 -18.95 13.50
CA PHE A 37 -19.88 -18.24 12.40
C PHE A 37 -21.00 -17.36 12.97
N GLN A 38 -21.08 -16.11 12.51
CA GLN A 38 -22.12 -15.13 12.94
C GLN A 38 -22.93 -14.69 11.73
N GLU A 39 -24.20 -15.12 11.67
CA GLU A 39 -25.12 -14.84 10.54
C GLU A 39 -25.28 -13.31 10.42
N LEU A 40 -25.48 -12.64 11.57
CA LEU A 40 -25.59 -11.16 11.71
C LEU A 40 -24.45 -10.68 12.60
N VAL A 41 -23.59 -9.83 12.06
CA VAL A 41 -22.42 -9.28 12.84
C VAL A 41 -22.81 -7.92 13.45
N LEU A 42 -22.57 -7.78 14.75
CA LEU A 42 -22.97 -6.60 15.56
C LEU A 42 -22.22 -5.39 14.98
N PRO A 43 -22.79 -4.17 15.08
CA PRO A 43 -22.04 -2.95 14.75
C PRO A 43 -20.84 -2.77 15.68
N HIS A 44 -19.80 -2.10 15.15
CA HIS A 44 -18.42 -1.99 15.70
C HIS A 44 -17.74 -3.37 15.69
N LYS A 47 -11.51 0.77 13.51
CA LYS A 47 -12.01 -0.43 12.78
C LYS A 47 -10.88 -1.46 12.64
N GLU A 48 -9.90 -1.47 13.54
CA GLU A 48 -8.71 -2.37 13.48
C GLU A 48 -8.08 -2.46 14.85
N ASP A 49 -8.00 -3.65 15.46
CA ASP A 49 -7.31 -3.86 16.75
C ASP A 49 -6.34 -5.05 16.61
N ALA A 50 -5.55 -5.30 17.65
CA ALA A 50 -4.49 -6.35 17.68
C ALA A 50 -5.12 -7.73 17.40
N GLY A 51 -6.32 -7.97 17.92
CA GLY A 51 -7.10 -9.20 17.66
C GLY A 51 -7.41 -9.39 16.17
N ASP A 52 -7.74 -8.32 15.46
CA ASP A 52 -8.05 -8.37 14.01
C ASP A 52 -6.77 -8.70 13.24
N VAL A 53 -5.64 -8.11 13.61
CA VAL A 53 -4.36 -8.32 12.87
C VAL A 53 -3.88 -9.75 13.15
N GLN A 54 -4.00 -10.20 14.40
CA GLN A 54 -3.59 -11.56 14.82
C GLN A 54 -4.37 -12.59 13.99
N GLN A 55 -5.70 -12.44 13.90
CA GLN A 55 -6.59 -13.32 13.12
C GLN A 55 -6.16 -13.31 11.65
N PHE A 56 -5.88 -12.16 11.05
CA PHE A 56 -5.46 -12.10 9.63
C PHE A 56 -4.20 -12.95 9.45
N TYR A 57 -3.18 -12.75 10.27
CA TYR A 57 -1.91 -13.54 10.16
C TYR A 57 -2.16 -15.01 10.47
N ASP A 58 -3.05 -15.32 11.42
CA ASP A 58 -3.42 -16.73 11.75
C ASP A 58 -4.13 -17.44 10.58
N LEU A 59 -5.09 -16.79 9.89
CA LEU A 59 -5.80 -17.40 8.73
C LEU A 59 -4.78 -17.62 7.59
N LEU A 60 -3.93 -16.66 7.31
CA LEU A 60 -2.83 -16.81 6.32
C LEU A 60 -1.97 -18.04 6.73
N SER A 61 -1.53 -18.10 7.99
CA SER A 61 -0.52 -19.08 8.47
C SER A 61 -1.11 -20.48 8.50
N GLY A 62 -2.42 -20.60 8.71
CA GLY A 62 -3.17 -21.88 8.62
C GLY A 62 -2.99 -22.56 7.29
N SER A 63 -2.67 -21.84 6.20
CA SER A 63 -2.50 -22.45 4.84
C SER A 63 -1.05 -22.88 4.52
N LEU A 64 -0.04 -22.49 5.31
CA LEU A 64 1.41 -22.66 4.95
C LEU A 64 1.69 -24.15 4.73
N GLU A 65 1.51 -24.94 5.79
CA GLU A 65 1.78 -26.40 5.88
C GLU A 65 0.91 -27.08 4.83
N VAL A 66 -0.36 -26.71 4.73
CA VAL A 66 -1.34 -27.31 3.80
C VAL A 66 -0.88 -27.14 2.35
N ILE A 67 -0.42 -25.96 1.94
CA ILE A 67 -0.10 -25.70 0.51
C ILE A 67 1.23 -26.39 0.21
N ARG A 68 2.14 -26.47 1.17
CA ARG A 68 3.41 -27.22 0.96
C ARG A 68 3.11 -28.73 0.69
N LYS A 69 2.26 -29.37 1.51
CA LYS A 69 1.94 -30.82 1.36
C LYS A 69 1.21 -31.03 0.05
N TRP A 70 0.27 -30.16 -0.30
CA TRP A 70 -0.41 -30.23 -1.63
C TRP A 70 0.63 -30.21 -2.76
N ALA A 71 1.56 -29.27 -2.75
CA ALA A 71 2.54 -29.10 -3.86
C ALA A 71 3.38 -30.36 -3.99
N GLU A 72 3.75 -30.98 -2.86
CA GLU A 72 4.66 -32.15 -2.86
C GLU A 72 3.97 -33.36 -3.51
N LYS A 73 2.63 -33.36 -3.65
CA LYS A 73 1.84 -34.43 -4.33
C LYS A 73 1.60 -34.09 -5.81
N ILE A 74 2.07 -32.94 -6.31
CA ILE A 74 1.99 -32.61 -7.76
C ILE A 74 3.08 -33.39 -8.46
N PRO A 75 2.74 -34.36 -9.34
CA PRO A 75 3.76 -35.16 -10.01
C PRO A 75 4.75 -34.26 -10.77
N GLY A 76 6.04 -34.44 -10.47
CA GLY A 76 7.15 -33.64 -11.03
C GLY A 76 7.61 -32.54 -10.10
N PHE A 77 6.79 -32.11 -9.14
CA PHE A 77 7.16 -30.93 -8.31
C PHE A 77 8.38 -31.24 -7.45
N ALA A 78 8.43 -32.45 -6.87
CA ALA A 78 9.55 -32.90 -5.98
C ALA A 78 10.78 -33.20 -6.82
N GLU A 79 10.68 -33.18 -8.17
CA GLU A 79 11.83 -33.43 -9.09
C GLU A 79 12.40 -32.13 -9.61
N LEU A 80 11.85 -30.99 -9.12
CA LEU A 80 12.44 -29.64 -9.31
C LEU A 80 13.48 -29.49 -8.22
N SER A 81 14.44 -28.60 -8.37
CA SER A 81 15.53 -28.41 -7.39
C SER A 81 14.88 -27.94 -6.08
N PRO A 82 15.47 -28.26 -4.91
CA PRO A 82 14.85 -27.83 -3.67
C PRO A 82 14.73 -26.29 -3.59
N ALA A 83 15.71 -25.56 -4.13
CA ALA A 83 15.69 -24.08 -4.18
C ALA A 83 14.54 -23.57 -5.07
N ASP A 84 14.24 -24.22 -6.18
CA ASP A 84 13.14 -23.84 -7.10
C ASP A 84 11.78 -24.15 -6.45
N GLN A 85 11.67 -25.29 -5.76
CA GLN A 85 10.48 -25.68 -4.98
C GLN A 85 10.17 -24.58 -3.97
N ASP A 86 11.16 -24.14 -3.20
CA ASP A 86 10.98 -23.09 -2.18
C ASP A 86 10.57 -21.75 -2.83
N LEU A 87 11.25 -21.36 -3.92
CA LEU A 87 10.98 -20.07 -4.60
C LEU A 87 9.54 -20.11 -5.16
N LEU A 88 9.13 -21.20 -5.79
CA LEU A 88 7.77 -21.33 -6.38
C LEU A 88 6.74 -21.25 -5.26
N LEU A 89 6.98 -21.92 -4.13
CA LEU A 89 6.01 -21.95 -3.00
C LEU A 89 5.89 -20.53 -2.44
N GLU A 90 7.03 -19.91 -2.12
CA GLU A 90 7.00 -18.53 -1.57
C GLU A 90 6.28 -17.60 -2.55
N SER A 91 6.62 -17.65 -3.83
CA SER A 91 6.11 -16.70 -4.86
C SER A 91 4.59 -16.84 -5.05
N ALA A 92 4.04 -18.04 -4.90
CA ALA A 92 2.65 -18.40 -5.24
C ALA A 92 1.79 -18.43 -3.98
N PHE A 93 2.38 -18.35 -2.79
CA PHE A 93 1.64 -18.62 -1.52
C PHE A 93 0.32 -17.82 -1.47
N LEU A 94 0.39 -16.52 -1.68
CA LEU A 94 -0.75 -15.57 -1.55
C LEU A 94 -1.79 -15.87 -2.61
N GLU A 95 -1.37 -15.96 -3.87
CA GLU A 95 -2.20 -16.39 -5.01
C GLU A 95 -2.92 -17.70 -4.69
N LEU A 96 -2.21 -18.68 -4.15
CA LEU A 96 -2.81 -20.01 -3.88
C LEU A 96 -3.81 -19.92 -2.73
N PHE A 97 -3.47 -19.12 -1.71
CA PHE A 97 -4.34 -18.89 -0.53
C PHE A 97 -5.67 -18.30 -1.02
N ILE A 98 -5.61 -17.36 -1.95
CA ILE A 98 -6.78 -16.58 -2.44
C ILE A 98 -7.59 -17.47 -3.38
N LEU A 99 -6.94 -18.06 -4.37
CA LEU A 99 -7.62 -19.00 -5.30
C LEU A 99 -8.37 -20.07 -4.51
N ARG A 100 -7.72 -20.73 -3.56
CA ARG A 100 -8.35 -21.89 -2.87
C ARG A 100 -9.47 -21.37 -1.98
N LEU A 101 -9.29 -20.21 -1.36
CA LEU A 101 -10.33 -19.57 -0.52
C LEU A 101 -11.53 -19.20 -1.40
N ALA A 102 -11.30 -18.58 -2.55
CA ALA A 102 -12.30 -18.10 -3.52
C ALA A 102 -13.16 -19.27 -3.96
N TYR A 103 -12.51 -20.38 -4.30
CA TYR A 103 -13.17 -21.60 -4.83
C TYR A 103 -13.99 -22.23 -3.72
N ARG A 104 -13.42 -22.36 -2.52
CA ARG A 104 -14.03 -23.07 -1.37
C ARG A 104 -15.21 -22.26 -0.79
N SER A 105 -15.14 -20.94 -0.85
CA SER A 105 -16.07 -20.04 -0.13
C SER A 105 -17.41 -19.95 -0.89
N LYS A 106 -18.37 -19.24 -0.29
CA LYS A 106 -19.75 -19.04 -0.82
C LYS A 106 -20.01 -17.54 -0.83
N PRO A 107 -19.57 -16.85 -1.90
CA PRO A 107 -19.58 -15.39 -1.93
C PRO A 107 -21.01 -14.80 -1.97
N GLY A 108 -21.98 -15.59 -2.46
CA GLY A 108 -23.43 -15.28 -2.44
C GLY A 108 -23.97 -15.09 -1.04
N GLU A 109 -23.28 -15.66 -0.03
CA GLU A 109 -23.69 -15.57 1.39
C GLU A 109 -22.62 -14.77 2.19
N GLY A 110 -21.66 -14.16 1.49
CA GLY A 110 -20.47 -13.58 2.16
C GLY A 110 -19.78 -14.58 3.10
N LYS A 111 -19.80 -15.88 2.75
CA LYS A 111 -19.31 -16.96 3.64
C LYS A 111 -17.89 -17.37 3.23
N LEU A 112 -16.89 -17.12 4.10
CA LEU A 112 -15.46 -17.54 3.87
C LEU A 112 -15.23 -18.92 4.48
N ILE A 113 -14.72 -19.85 3.69
CA ILE A 113 -14.39 -21.20 4.23
C ILE A 113 -12.89 -21.41 4.13
N PHE A 114 -12.22 -21.54 5.27
CA PHE A 114 -10.73 -21.66 5.36
C PHE A 114 -10.34 -23.12 5.33
N CYS A 115 -9.07 -23.42 5.05
CA CYS A 115 -8.69 -24.82 4.74
C CYS A 115 -8.78 -25.68 6.00
N SER A 116 -8.77 -25.10 7.19
CA SER A 116 -9.05 -25.82 8.46
C SER A 116 -10.52 -26.30 8.51
N GLY A 117 -11.44 -25.74 7.70
CA GLY A 117 -12.89 -26.00 7.80
C GLY A 117 -13.61 -24.90 8.58
N LEU A 118 -12.87 -23.96 9.18
CA LEU A 118 -13.41 -22.80 9.88
C LEU A 118 -14.28 -21.99 8.89
N VAL A 119 -15.52 -21.68 9.27
CA VAL A 119 -16.43 -20.80 8.48
C VAL A 119 -16.60 -19.46 9.20
N LEU A 120 -16.36 -18.38 8.47
CA LEU A 120 -16.47 -16.98 8.98
C LEU A 120 -17.27 -16.15 7.98
N HIS A 121 -18.11 -15.26 8.49
CA HIS A 121 -18.85 -14.25 7.68
C HIS A 121 -17.84 -13.15 7.31
N ARG A 122 -18.05 -12.44 6.20
CA ARG A 122 -17.09 -11.41 5.72
C ARG A 122 -16.81 -10.39 6.84
N LEU A 123 -17.85 -9.94 7.53
CA LEU A 123 -17.68 -8.86 8.53
C LEU A 123 -16.88 -9.36 9.73
N GLN A 124 -16.67 -10.65 9.92
CA GLN A 124 -15.87 -11.17 11.06
C GLN A 124 -14.37 -11.12 10.72
N CYS A 125 -13.98 -10.91 9.46
CA CYS A 125 -12.55 -10.84 9.10
C CYS A 125 -12.23 -9.64 8.21
N ALA A 126 -13.21 -8.77 7.88
CA ALA A 126 -13.02 -7.51 7.11
C ALA A 126 -11.98 -6.59 7.76
N ARG A 127 -12.00 -6.53 9.10
CA ARG A 127 -11.15 -5.62 9.89
C ARG A 127 -9.68 -6.01 9.73
N GLY A 128 -9.34 -7.28 9.73
CA GLY A 128 -7.95 -7.72 9.57
C GLY A 128 -7.53 -7.55 8.13
N PHE A 129 -8.42 -7.91 7.23
CA PHE A 129 -8.12 -8.06 5.79
C PHE A 129 -8.11 -6.67 5.15
N GLY A 130 -8.89 -5.74 5.71
CA GLY A 130 -9.22 -4.44 5.08
C GLY A 130 -10.04 -4.65 3.82
N ASP A 131 -10.11 -3.65 2.95
CA ASP A 131 -10.82 -3.65 1.62
C ASP A 131 -10.52 -4.90 0.80
N TRP A 132 -9.34 -5.50 0.96
CA TRP A 132 -8.90 -6.68 0.16
C TRP A 132 -9.96 -7.78 0.22
N ILE A 133 -10.64 -8.03 1.36
CA ILE A 133 -11.62 -9.14 1.50
C ILE A 133 -12.78 -8.93 0.51
N ASP A 134 -13.13 -7.68 0.22
CA ASP A 134 -14.21 -7.36 -0.76
C ASP A 134 -13.70 -7.63 -2.17
N SER A 135 -12.42 -7.35 -2.46
CA SER A 135 -11.81 -7.68 -3.78
C SER A 135 -11.76 -9.21 -3.93
N ILE A 136 -11.44 -9.95 -2.86
CA ILE A 136 -11.37 -11.44 -2.86
C ILE A 136 -12.79 -12.01 -3.12
N LEU A 137 -13.82 -11.51 -2.44
CA LEU A 137 -15.23 -11.96 -2.68
C LEU A 137 -15.65 -11.61 -4.12
N ALA A 138 -15.35 -10.43 -4.66
CA ALA A 138 -15.68 -10.14 -6.08
C ALA A 138 -15.03 -11.21 -6.96
N PHE A 139 -13.78 -11.62 -6.68
CA PHE A 139 -13.04 -12.60 -7.50
C PHE A 139 -13.68 -13.98 -7.34
N SER A 140 -14.04 -14.33 -6.10
CA SER A 140 -14.78 -15.57 -5.76
C SER A 140 -16.10 -15.61 -6.56
N ARG A 141 -16.85 -14.51 -6.62
CA ARG A 141 -18.13 -14.49 -7.39
C ARG A 141 -17.82 -14.69 -8.87
N SER A 142 -16.81 -14.01 -9.41
CA SER A 142 -16.42 -14.24 -10.82
C SER A 142 -15.96 -15.69 -11.05
N LEU A 143 -15.20 -16.32 -10.13
CA LEU A 143 -14.73 -17.73 -10.26
C LEU A 143 -15.94 -18.68 -10.30
N HIS A 144 -16.83 -18.59 -9.33
CA HIS A 144 -18.10 -19.38 -9.23
C HIS A 144 -18.93 -19.32 -10.52
N SER A 145 -18.98 -18.21 -11.24
CA SER A 145 -19.79 -18.01 -12.47
C SER A 145 -19.24 -18.83 -13.61
N LEU A 146 -17.93 -19.12 -13.58
CA LEU A 146 -17.28 -19.95 -14.62
C LEU A 146 -17.63 -21.44 -14.43
N LEU A 147 -18.15 -21.81 -13.26
CA LEU A 147 -18.49 -23.21 -12.90
C LEU A 147 -17.31 -24.13 -13.23
N VAL A 148 -16.17 -23.88 -12.57
CA VAL A 148 -14.94 -24.69 -12.72
C VAL A 148 -15.13 -25.99 -11.94
N ASP A 149 -15.09 -27.13 -12.65
CA ASP A 149 -15.23 -28.50 -12.10
C ASP A 149 -13.91 -28.84 -11.39
N VAL A 150 -13.91 -29.80 -10.49
CA VAL A 150 -12.77 -30.03 -9.57
C VAL A 150 -11.50 -30.39 -10.36
N PRO A 151 -11.56 -31.27 -11.38
CA PRO A 151 -10.38 -31.55 -12.21
C PRO A 151 -9.80 -30.30 -12.88
N ALA A 152 -10.65 -29.42 -13.40
CA ALA A 152 -10.19 -28.18 -14.04
C ALA A 152 -9.46 -27.35 -12.98
N PHE A 153 -10.03 -27.22 -11.79
CA PHE A 153 -9.48 -26.37 -10.70
C PHE A 153 -8.16 -26.98 -10.21
N ALA A 154 -8.03 -28.30 -10.24
CA ALA A 154 -6.86 -29.07 -9.74
C ALA A 154 -5.70 -28.79 -10.69
N CYS A 155 -5.98 -28.57 -11.98
CA CYS A 155 -4.96 -28.10 -12.96
C CYS A 155 -4.64 -26.60 -12.76
N LEU A 156 -5.66 -25.74 -12.67
CA LEU A 156 -5.50 -24.27 -12.60
C LEU A 156 -4.62 -23.93 -11.40
N SER A 157 -4.96 -24.47 -10.22
CA SER A 157 -4.25 -24.21 -8.96
C SER A 157 -2.78 -24.62 -9.12
N ALA A 158 -2.51 -25.72 -9.82
CA ALA A 158 -1.14 -26.22 -10.06
C ALA A 158 -0.41 -25.24 -10.98
N LEU A 159 -1.14 -24.63 -11.89
CA LEU A 159 -0.57 -23.66 -12.88
C LEU A 159 -0.22 -22.34 -12.19
N VAL A 160 -0.85 -22.01 -11.05
CA VAL A 160 -0.50 -20.80 -10.24
C VAL A 160 0.89 -21.03 -9.64
N LEU A 161 1.16 -22.22 -9.11
CA LEU A 161 2.45 -22.54 -8.44
C LEU A 161 3.54 -22.71 -9.50
N ILE A 162 3.27 -23.53 -10.52
CA ILE A 162 4.28 -24.01 -11.50
C ILE A 162 4.31 -23.02 -12.66
N THR A 163 5.10 -21.97 -12.50
CA THR A 163 5.10 -20.79 -13.40
C THR A 163 6.47 -20.11 -13.29
N ASP A 164 6.83 -19.36 -14.31
CA ASP A 164 8.10 -18.61 -14.34
C ASP A 164 8.10 -17.59 -13.20
N ARG A 165 9.25 -17.49 -12.53
CA ARG A 165 9.57 -16.57 -11.42
C ARG A 165 11.06 -16.24 -11.56
N HIS A 166 11.41 -15.00 -11.28
CA HIS A 166 12.81 -14.52 -11.34
C HIS A 166 13.62 -15.31 -10.32
N GLY A 167 14.77 -15.85 -10.72
CA GLY A 167 15.74 -16.50 -9.82
C GLY A 167 15.62 -18.02 -9.77
N LEU A 168 14.76 -18.63 -10.58
CA LEU A 168 14.72 -20.11 -10.79
C LEU A 168 16.07 -20.63 -11.31
N GLN A 169 16.52 -21.78 -10.80
CA GLN A 169 17.76 -22.46 -11.25
C GLN A 169 17.49 -23.19 -12.57
N GLU A 170 16.31 -23.81 -12.71
CA GLU A 170 15.98 -24.66 -13.89
C GLU A 170 14.66 -24.17 -14.52
N PRO A 171 14.58 -22.90 -14.93
CA PRO A 171 13.33 -22.35 -15.48
C PRO A 171 12.75 -23.20 -16.63
N ARG A 172 13.60 -23.89 -17.39
CA ARG A 172 13.13 -24.72 -18.53
C ARG A 172 12.36 -25.92 -17.97
N ARG A 173 12.83 -26.57 -16.90
CA ARG A 173 12.11 -27.73 -16.30
C ARG A 173 10.79 -27.25 -15.68
N VAL A 174 10.76 -26.02 -15.15
CA VAL A 174 9.51 -25.42 -14.61
C VAL A 174 8.53 -25.23 -15.76
N GLU A 175 8.97 -24.68 -16.90
CA GLU A 175 8.13 -24.51 -18.11
C GLU A 175 7.63 -25.87 -18.61
N GLU A 176 8.50 -26.90 -18.68
CA GLU A 176 8.06 -28.22 -19.20
C GLU A 176 6.96 -28.76 -18.29
N LEU A 177 7.10 -28.66 -16.95
CA LEU A 177 6.09 -29.21 -16.02
C LEU A 177 4.78 -28.42 -16.20
N GLN A 178 4.87 -27.09 -16.30
CA GLN A 178 3.73 -26.18 -16.61
C GLN A 178 3.04 -26.65 -17.89
N ASN A 179 3.80 -26.78 -18.98
CA ASN A 179 3.30 -27.31 -20.29
C ASN A 179 2.52 -28.62 -20.07
N ARG A 180 3.07 -29.60 -19.35
CA ARG A 180 2.36 -30.89 -19.08
C ARG A 180 1.02 -30.63 -18.37
N ILE A 181 0.98 -29.70 -17.40
CA ILE A 181 -0.24 -29.47 -16.59
C ILE A 181 -1.24 -28.69 -17.45
N ALA A 182 -0.78 -27.73 -18.24
CA ALA A 182 -1.60 -26.96 -19.21
C ALA A 182 -2.23 -27.92 -20.24
N SER A 183 -1.42 -28.81 -20.83
CA SER A 183 -1.87 -29.86 -21.80
C SER A 183 -2.89 -30.78 -21.13
N CYS A 184 -2.65 -31.15 -19.88
CA CYS A 184 -3.60 -32.00 -19.09
C CYS A 184 -4.93 -31.26 -18.99
N LEU A 185 -4.91 -29.93 -18.75
CA LEU A 185 -6.12 -29.10 -18.56
C LEU A 185 -6.90 -28.96 -19.89
N LYS A 186 -6.20 -28.63 -20.98
CA LYS A 186 -6.82 -28.42 -22.32
C LYS A 186 -7.54 -29.73 -22.73
N GLU A 187 -6.84 -30.86 -22.60
CA GLU A 187 -7.26 -32.27 -22.87
C GLU A 187 -8.49 -32.63 -22.04
N HIS A 188 -8.64 -32.05 -20.83
CA HIS A 188 -9.79 -32.32 -19.91
C HIS A 188 -10.99 -31.46 -20.30
N VAL A 189 -10.77 -30.17 -20.61
CA VAL A 189 -11.88 -29.22 -20.93
C VAL A 189 -12.49 -29.62 -22.29
N ALA A 190 -11.68 -30.12 -23.23
CA ALA A 190 -12.15 -30.66 -24.53
C ALA A 190 -12.99 -31.93 -24.29
N ALA A 191 -12.60 -32.77 -23.32
CA ALA A 191 -13.26 -34.09 -23.06
C ALA A 191 -14.61 -33.91 -22.37
N VAL A 192 -14.94 -32.71 -21.86
CA VAL A 192 -16.27 -32.40 -21.24
C VAL A 192 -16.77 -31.08 -21.86
N SER A 200 -11.75 -20.84 -25.65
CA SER A 200 -12.76 -19.80 -25.34
C SER A 200 -13.31 -19.98 -23.92
N CYS A 201 -13.57 -21.23 -23.50
CA CYS A 201 -13.85 -21.61 -22.08
C CYS A 201 -12.54 -21.92 -21.36
N LEU A 202 -11.56 -22.55 -22.05
CA LEU A 202 -10.19 -22.72 -21.52
C LEU A 202 -9.61 -21.33 -21.20
N SER A 203 -9.74 -20.37 -22.14
CA SER A 203 -9.08 -19.05 -22.07
C SER A 203 -9.74 -18.16 -21.00
N ARG A 204 -11.01 -18.43 -20.66
CA ARG A 204 -11.73 -17.79 -19.51
C ARG A 204 -11.17 -18.33 -18.19
N LEU A 205 -10.81 -19.62 -18.15
CA LEU A 205 -10.12 -20.26 -16.98
C LEU A 205 -8.76 -19.58 -16.81
N LEU A 206 -7.95 -19.64 -17.87
CA LEU A 206 -6.55 -19.17 -17.88
C LEU A 206 -6.55 -17.67 -17.59
N GLY A 207 -7.62 -16.97 -17.98
CA GLY A 207 -7.87 -15.53 -17.69
C GLY A 207 -7.89 -15.24 -16.19
N LYS A 208 -8.26 -16.21 -15.36
CA LYS A 208 -8.31 -16.02 -13.89
C LYS A 208 -6.87 -15.93 -13.30
N LEU A 209 -5.85 -16.41 -14.00
CA LEU A 209 -4.46 -16.42 -13.45
C LEU A 209 -3.94 -14.99 -13.32
N PRO A 210 -3.91 -14.14 -14.39
CA PRO A 210 -3.50 -12.74 -14.25
C PRO A 210 -4.34 -11.92 -13.27
N GLU A 211 -5.66 -12.09 -13.26
CA GLU A 211 -6.56 -11.47 -12.27
C GLU A 211 -6.12 -11.84 -10.84
N LEU A 212 -5.76 -13.10 -10.60
CA LEU A 212 -5.29 -13.56 -9.25
C LEU A 212 -3.97 -12.82 -8.90
N ARG A 213 -3.09 -12.61 -9.88
CA ARG A 213 -1.78 -11.94 -9.62
C ARG A 213 -2.07 -10.51 -9.12
N THR A 214 -2.86 -9.76 -9.89
CA THR A 214 -3.31 -8.39 -9.55
C THR A 214 -3.98 -8.39 -8.17
N LEU A 215 -4.88 -9.33 -7.89
CA LEU A 215 -5.61 -9.35 -6.59
C LEU A 215 -4.60 -9.42 -5.44
N CYS A 216 -3.54 -10.19 -5.59
CA CYS A 216 -2.61 -10.48 -4.48
C CYS A 216 -1.57 -9.35 -4.33
N THR A 217 -1.47 -8.42 -5.28
CA THR A 217 -0.77 -7.14 -5.07
C THR A 217 -1.41 -6.44 -3.88
N GLN A 218 -2.75 -6.40 -3.82
CA GLN A 218 -3.49 -5.77 -2.70
C GLN A 218 -3.18 -6.54 -1.41
N GLY A 219 -2.93 -7.84 -1.47
CA GLY A 219 -2.47 -8.63 -0.30
C GLY A 219 -1.13 -8.14 0.23
N LEU A 220 -0.21 -7.83 -0.68
CA LEU A 220 1.14 -7.32 -0.33
C LEU A 220 0.97 -5.87 0.21
N GLN A 221 0.05 -5.10 -0.38
CA GLN A 221 -0.27 -3.72 0.09
C GLN A 221 -0.81 -3.80 1.52
N ARG A 222 -1.67 -4.78 1.80
CA ARG A 222 -2.27 -4.88 3.15
C ARG A 222 -1.16 -5.19 4.17
N ILE A 223 -0.23 -6.09 3.85
CA ILE A 223 0.83 -6.53 4.81
C ILE A 223 1.76 -5.35 5.05
N PHE A 224 2.12 -4.62 4.00
CA PHE A 224 2.91 -3.37 4.12
C PHE A 224 2.23 -2.44 5.13
N TYR A 225 0.94 -2.14 4.92
CA TYR A 225 0.18 -1.24 5.81
C TYR A 225 0.27 -1.79 7.24
N LEU A 226 0.01 -3.08 7.43
CA LEU A 226 -0.05 -3.68 8.78
C LEU A 226 1.37 -3.65 9.39
N LYS A 227 2.43 -3.77 8.59
CA LYS A 227 3.80 -3.74 9.18
C LYS A 227 4.13 -2.29 9.59
N LEU A 228 3.75 -1.31 8.77
CA LEU A 228 3.81 0.13 9.13
C LEU A 228 3.13 0.36 10.47
N GLU A 229 1.90 -0.12 10.62
CA GLU A 229 1.07 0.10 11.82
C GLU A 229 1.66 -0.68 13.01
N ASP A 230 2.09 -1.92 12.79
CA ASP A 230 2.88 -2.72 13.77
C ASP A 230 2.07 -2.92 15.06
N LEU A 231 0.77 -3.14 14.96
CA LEU A 231 -0.04 -3.53 16.14
C LEU A 231 0.43 -4.91 16.58
N VAL A 232 0.56 -5.83 15.64
CA VAL A 232 1.17 -7.19 15.83
C VAL A 232 1.98 -7.49 14.57
N PRO A 233 3.26 -7.92 14.71
CA PRO A 233 4.10 -8.10 13.54
C PRO A 233 3.66 -9.39 12.86
N PRO A 234 3.92 -9.55 11.54
CA PRO A 234 3.67 -10.82 10.86
C PRO A 234 4.54 -11.91 11.49
N PRO A 235 4.07 -13.18 11.53
CA PRO A 235 4.90 -14.27 12.02
C PRO A 235 6.03 -14.51 11.01
N PRO A 236 7.21 -14.99 11.47
CA PRO A 236 8.42 -14.95 10.64
C PRO A 236 8.25 -15.41 9.18
N ILE A 237 7.52 -16.51 8.97
CA ILE A 237 7.37 -17.20 7.65
C ILE A 237 6.59 -16.27 6.69
N ILE A 238 5.51 -15.65 7.15
CA ILE A 238 4.73 -14.63 6.37
C ILE A 238 5.66 -13.44 6.08
N ASP A 239 6.38 -12.98 7.09
CA ASP A 239 7.29 -11.82 6.93
C ASP A 239 8.30 -12.13 5.83
N LYS A 240 8.83 -13.36 5.81
CA LYS A 240 9.89 -13.74 4.84
C LYS A 240 9.29 -13.74 3.43
N ILE A 241 8.08 -14.31 3.26
CA ILE A 241 7.35 -14.33 1.96
C ILE A 241 7.21 -12.87 1.50
N PHE A 242 6.77 -11.99 2.38
CA PHE A 242 6.58 -10.56 2.08
C PHE A 242 7.91 -9.97 1.61
N MET A 243 8.94 -10.08 2.45
CA MET A 243 10.26 -9.48 2.10
C MET A 243 10.79 -10.13 0.82
N ASP A 244 10.66 -11.45 0.64
CA ASP A 244 11.35 -12.15 -0.49
C ASP A 244 10.64 -11.84 -1.80
N THR A 245 9.33 -11.57 -1.78
CA THR A 245 8.56 -11.39 -3.05
C THR A 245 8.54 -9.90 -3.42
N LEU A 246 9.14 -9.01 -2.61
CA LEU A 246 9.29 -7.58 -3.01
C LEU A 246 10.53 -7.41 -3.87
N PRO A 247 10.39 -7.04 -5.18
CA PRO A 247 11.56 -6.80 -6.03
C PRO A 247 12.30 -5.48 -5.70
N PHE A 248 12.90 -5.37 -4.50
CA PHE A 248 13.69 -4.20 -4.03
C PHE A 248 14.12 -4.41 -2.56
N ALA B 12 8.00 39.17 15.98
CA ALA B 12 9.40 38.91 16.47
C ALA B 12 10.41 38.98 15.30
N ASN B 13 11.70 38.95 15.62
CA ASN B 13 12.74 38.79 14.58
C ASN B 13 12.65 37.36 14.00
N LEU B 14 12.48 36.36 14.88
CA LEU B 14 12.28 34.95 14.46
C LEU B 14 11.04 34.87 13.57
N LEU B 15 9.93 35.47 14.01
CA LEU B 15 8.62 35.40 13.31
C LEU B 15 8.78 35.96 11.89
N THR B 16 9.41 37.13 11.79
CA THR B 16 9.66 37.88 10.52
C THR B 16 10.45 36.98 9.57
N SER B 17 11.50 36.33 10.11
CA SER B 17 12.36 35.38 9.36
C SER B 17 11.52 34.18 8.92
N LEU B 18 10.70 33.62 9.82
CA LEU B 18 9.88 32.41 9.50
C LEU B 18 8.88 32.80 8.40
N VAL B 19 8.29 34.01 8.47
CA VAL B 19 7.28 34.47 7.47
C VAL B 19 7.98 34.71 6.13
N ARG B 20 9.18 35.29 6.14
CA ARG B 20 9.98 35.54 4.92
C ARG B 20 10.27 34.21 4.23
N ALA B 21 10.73 33.21 5.00
CA ALA B 21 11.12 31.87 4.48
C ALA B 21 9.88 31.19 3.86
N HIS B 22 8.76 31.20 4.60
CA HIS B 22 7.44 30.68 4.16
C HIS B 22 7.04 31.31 2.82
N LEU B 23 6.95 32.63 2.73
CA LEU B 23 6.37 33.33 1.55
C LEU B 23 7.28 33.13 0.34
N ASP B 24 8.60 32.99 0.53
CA ASP B 24 9.56 32.85 -0.60
C ASP B 24 9.56 31.40 -1.11
N SER B 25 8.94 30.44 -0.40
CA SER B 25 8.99 28.98 -0.69
C SER B 25 7.81 28.52 -1.56
N GLY B 26 6.89 29.42 -1.95
CA GLY B 26 5.78 29.10 -2.85
C GLY B 26 5.58 30.14 -3.94
N PRO B 27 4.64 29.90 -4.88
CA PRO B 27 4.31 30.88 -5.91
C PRO B 27 3.51 32.08 -5.36
N SER B 28 3.57 33.20 -6.08
CA SER B 28 2.71 34.40 -5.89
C SER B 28 1.38 34.19 -6.63
N THR B 29 0.30 34.79 -6.16
CA THR B 29 -0.98 34.87 -6.90
C THR B 29 -0.72 35.68 -8.17
N ALA B 30 0.12 35.16 -9.07
CA ALA B 30 0.62 35.89 -10.28
C ALA B 30 1.64 35.03 -11.03
N LYS B 31 2.35 34.15 -10.33
CA LYS B 31 3.32 33.20 -10.95
C LYS B 31 2.71 31.78 -11.03
N LEU B 32 1.38 31.69 -11.21
CA LEU B 32 0.64 30.39 -11.31
C LEU B 32 0.64 29.91 -12.76
N ASP B 33 1.24 28.73 -13.03
CA ASP B 33 1.21 28.08 -14.38
C ASP B 33 -0.08 27.26 -14.45
N TYR B 34 -1.08 27.83 -15.14
CA TYR B 34 -2.26 27.12 -15.68
C TYR B 34 -1.92 26.45 -17.02
N SER B 35 -0.63 26.36 -17.35
CA SER B 35 -0.11 25.86 -18.66
C SER B 35 -0.41 24.36 -18.86
N LYS B 36 -0.66 23.59 -17.79
CA LYS B 36 -0.94 22.14 -17.87
C LYS B 36 -2.36 21.87 -17.37
N PHE B 37 -3.04 22.87 -16.81
CA PHE B 37 -4.36 22.73 -16.14
C PHE B 37 -5.45 22.45 -17.17
N GLN B 38 -6.30 21.48 -16.87
CA GLN B 38 -7.51 21.09 -17.65
C GLN B 38 -8.61 20.77 -16.63
N GLU B 39 -9.68 21.55 -16.63
CA GLU B 39 -10.76 21.46 -15.60
C GLU B 39 -11.46 20.10 -15.70
N LEU B 40 -11.54 19.45 -16.88
CA LEU B 40 -12.23 18.13 -17.01
C LEU B 40 -11.47 17.23 -17.97
N VAL B 41 -10.59 16.41 -17.43
CA VAL B 41 -9.92 15.30 -18.17
C VAL B 41 -10.77 14.07 -17.88
N LEU B 42 -10.71 13.04 -18.74
CA LEU B 42 -11.51 11.80 -18.63
C LEU B 42 -10.56 10.61 -18.39
N PRO B 43 -10.20 10.26 -17.13
CA PRO B 43 -9.20 9.22 -16.89
C PRO B 43 -9.79 7.79 -16.77
N HIS B 44 -8.95 6.78 -17.05
CA HIS B 44 -9.14 5.36 -16.67
C HIS B 44 -8.69 5.22 -15.20
N PHE B 45 -9.63 5.36 -14.27
CA PHE B 45 -9.39 5.40 -12.80
C PHE B 45 -8.75 4.09 -12.34
N GLY B 46 -8.00 4.10 -11.23
CA GLY B 46 -7.39 2.90 -10.62
C GLY B 46 -6.28 2.33 -11.50
N LYS B 47 -5.73 3.16 -12.37
CA LYS B 47 -4.62 2.78 -13.27
C LYS B 47 -3.82 4.05 -13.57
N GLU B 48 -2.63 3.85 -14.14
CA GLU B 48 -1.59 4.88 -14.30
C GLU B 48 -0.68 4.44 -15.43
N ASP B 49 -0.06 5.41 -16.09
CA ASP B 49 1.00 5.14 -17.09
C ASP B 49 2.28 5.83 -16.65
N ALA B 50 3.36 5.60 -17.39
CA ALA B 50 4.73 6.04 -17.05
C ALA B 50 4.73 7.56 -16.83
N GLY B 51 3.97 8.28 -17.65
CA GLY B 51 3.85 9.75 -17.57
C GLY B 51 3.25 10.20 -16.24
N ASP B 52 2.23 9.49 -15.75
CA ASP B 52 1.56 9.85 -14.47
C ASP B 52 2.54 9.60 -13.32
N VAL B 53 3.28 8.50 -13.34
CA VAL B 53 4.19 8.14 -12.22
C VAL B 53 5.39 9.09 -12.24
N GLN B 54 5.90 9.42 -13.41
CA GLN B 54 7.06 10.35 -13.53
C GLN B 54 6.64 11.73 -12.98
N GLN B 55 5.47 12.24 -13.35
CA GLN B 55 5.00 13.55 -12.84
C GLN B 55 4.84 13.47 -11.30
N PHE B 56 4.26 12.40 -10.76
CA PHE B 56 4.13 12.22 -9.29
C PHE B 56 5.50 12.38 -8.64
N TYR B 57 6.52 11.66 -9.11
CA TYR B 57 7.88 11.71 -8.53
C TYR B 57 8.48 13.09 -8.73
N ASP B 58 8.26 13.71 -9.89
CA ASP B 58 8.77 15.08 -10.20
C ASP B 58 8.21 16.12 -9.23
N LEU B 59 6.92 16.05 -8.91
CA LEU B 59 6.25 16.99 -7.95
C LEU B 59 6.83 16.77 -6.54
N LEU B 60 6.97 15.53 -6.10
CA LEU B 60 7.64 15.15 -4.82
C LEU B 60 9.10 15.69 -4.79
N SER B 61 9.87 15.53 -5.87
CA SER B 61 11.31 15.96 -5.95
C SER B 61 11.41 17.49 -5.87
N GLY B 62 10.54 18.18 -6.62
CA GLY B 62 10.47 19.66 -6.64
C GLY B 62 10.06 20.19 -5.27
N SER B 63 9.09 19.53 -4.61
CA SER B 63 8.69 19.93 -3.23
C SER B 63 9.89 19.73 -2.29
N LEU B 64 10.60 18.61 -2.35
CA LEU B 64 11.78 18.37 -1.48
C LEU B 64 12.81 19.50 -1.65
N GLU B 65 13.17 19.93 -2.87
CA GLU B 65 14.24 20.95 -3.14
C GLU B 65 13.79 22.29 -2.56
N VAL B 66 12.53 22.62 -2.78
CA VAL B 66 11.88 23.83 -2.22
C VAL B 66 11.88 23.76 -0.67
N ILE B 67 11.52 22.63 -0.06
CA ILE B 67 11.46 22.52 1.43
C ILE B 67 12.90 22.55 1.98
N ARG B 68 13.88 22.05 1.24
CA ARG B 68 15.30 22.16 1.65
C ARG B 68 15.72 23.64 1.74
N LYS B 69 15.46 24.47 0.72
CA LYS B 69 15.85 25.90 0.70
C LYS B 69 15.08 26.64 1.79
N TRP B 70 13.81 26.36 1.95
CA TRP B 70 12.98 26.94 3.03
C TRP B 70 13.61 26.65 4.39
N ALA B 71 14.00 25.42 4.67
CA ALA B 71 14.51 25.04 6.01
C ALA B 71 15.82 25.78 6.24
N GLU B 72 16.63 25.93 5.20
CA GLU B 72 17.93 26.66 5.23
C GLU B 72 17.75 28.11 5.73
N LYS B 73 16.57 28.71 5.55
CA LYS B 73 16.24 30.10 5.96
C LYS B 73 15.62 30.13 7.36
N ILE B 74 15.38 29.00 8.01
CA ILE B 74 14.92 28.99 9.43
C ILE B 74 16.13 29.28 10.31
N PRO B 75 16.17 30.42 11.02
CA PRO B 75 17.35 30.79 11.81
C PRO B 75 17.72 29.70 12.82
N GLY B 76 18.99 29.27 12.78
CA GLY B 76 19.56 28.17 13.57
C GLY B 76 19.60 26.84 12.84
N PHE B 77 18.76 26.65 11.81
CA PHE B 77 18.66 25.30 11.19
C PHE B 77 19.98 24.94 10.48
N ALA B 78 20.61 25.90 9.79
CA ALA B 78 21.80 25.64 8.92
C ALA B 78 23.05 25.38 9.77
N GLU B 79 22.97 25.60 11.08
CA GLU B 79 24.12 25.41 12.02
C GLU B 79 23.93 24.12 12.80
N LEU B 80 22.80 23.43 12.58
CA LEU B 80 22.61 22.07 13.13
C LEU B 80 23.59 21.20 12.36
N SER B 81 23.94 20.01 12.84
CA SER B 81 24.90 19.13 12.11
C SER B 81 24.30 18.79 10.76
N PRO B 82 25.13 18.60 9.72
CA PRO B 82 24.59 18.24 8.40
C PRO B 82 23.73 16.96 8.49
N ALA B 83 24.12 16.00 9.32
CA ALA B 83 23.37 14.73 9.50
C ALA B 83 22.01 14.98 10.15
N ASP B 84 21.90 15.93 11.09
CA ASP B 84 20.64 16.25 11.80
C ASP B 84 19.72 17.03 10.84
N GLN B 85 20.29 17.92 10.04
CA GLN B 85 19.54 18.65 8.98
C GLN B 85 18.90 17.63 8.02
N ASP B 86 19.67 16.67 7.53
CA ASP B 86 19.18 15.59 6.62
C ASP B 86 18.09 14.76 7.29
N LEU B 87 18.31 14.35 8.53
CA LEU B 87 17.35 13.50 9.26
C LEU B 87 16.04 14.28 9.48
N LEU B 88 16.11 15.55 9.88
CA LEU B 88 14.90 16.35 10.17
C LEU B 88 14.13 16.50 8.84
N LEU B 89 14.81 16.84 7.75
CA LEU B 89 14.17 17.06 6.43
C LEU B 89 13.53 15.75 5.96
N GLU B 90 14.29 14.67 5.94
CA GLU B 90 13.76 13.36 5.52
C GLU B 90 12.52 13.01 6.36
N SER B 91 12.57 13.17 7.68
CA SER B 91 11.52 12.68 8.61
C SER B 91 10.25 13.52 8.45
N ALA B 92 10.34 14.79 8.09
CA ALA B 92 9.19 15.71 8.01
C ALA B 92 8.72 15.86 6.54
N PHE B 93 9.49 15.40 5.55
CA PHE B 93 9.26 15.81 4.14
C PHE B 93 7.78 15.62 3.75
N LEU B 94 7.26 14.40 3.85
CA LEU B 94 5.88 14.02 3.42
C LEU B 94 4.82 14.84 4.16
N GLU B 95 4.88 14.88 5.49
CA GLU B 95 4.11 15.82 6.37
C GLU B 95 4.13 17.24 5.81
N LEU B 96 5.31 17.75 5.47
CA LEU B 96 5.43 19.15 5.03
C LEU B 96 4.84 19.31 3.63
N PHE B 97 5.02 18.30 2.77
CA PHE B 97 4.51 18.33 1.37
C PHE B 97 2.98 18.43 1.47
N ILE B 98 2.36 17.67 2.37
CA ILE B 98 0.89 17.52 2.52
C ILE B 98 0.36 18.82 3.13
N LEU B 99 0.90 19.22 4.26
CA LEU B 99 0.55 20.50 4.92
C LEU B 99 0.62 21.69 3.96
N ARG B 100 1.74 21.93 3.30
CA ARG B 100 1.88 23.07 2.36
C ARG B 100 0.92 22.94 1.17
N LEU B 101 0.71 21.73 0.64
CA LEU B 101 -0.18 21.48 -0.52
C LEU B 101 -1.62 21.77 -0.09
N ALA B 102 -2.02 21.25 1.08
CA ALA B 102 -3.36 21.46 1.64
C ALA B 102 -3.59 22.96 1.88
N TYR B 103 -2.61 23.68 2.42
CA TYR B 103 -2.74 25.12 2.75
C TYR B 103 -2.81 25.93 1.46
N ARG B 104 -2.01 25.58 0.45
CA ARG B 104 -1.91 26.29 -0.85
C ARG B 104 -3.13 26.04 -1.76
N SER B 105 -3.77 24.88 -1.66
CA SER B 105 -4.67 24.38 -2.73
C SER B 105 -6.06 25.04 -2.61
N LYS B 106 -6.95 24.80 -3.60
CA LYS B 106 -8.33 25.35 -3.65
C LYS B 106 -9.32 24.22 -3.82
N PRO B 107 -9.67 23.52 -2.72
CA PRO B 107 -10.46 22.30 -2.81
C PRO B 107 -11.91 22.54 -3.33
N GLY B 108 -12.44 23.75 -3.16
CA GLY B 108 -13.77 24.12 -3.70
C GLY B 108 -13.77 24.16 -5.23
N GLU B 109 -12.60 24.21 -5.87
CA GLU B 109 -12.49 24.13 -7.35
C GLU B 109 -11.79 22.83 -7.77
N GLY B 110 -11.55 21.92 -6.82
CA GLY B 110 -10.70 20.74 -7.07
C GLY B 110 -9.33 21.14 -7.61
N LYS B 111 -8.81 22.31 -7.22
CA LYS B 111 -7.49 22.79 -7.70
C LYS B 111 -6.36 22.44 -6.70
N LEU B 112 -5.40 21.61 -7.15
CA LEU B 112 -4.09 21.41 -6.45
C LEU B 112 -3.09 22.45 -6.92
N ILE B 113 -2.49 23.15 -5.97
CA ILE B 113 -1.47 24.16 -6.33
C ILE B 113 -0.15 23.70 -5.72
N PHE B 114 0.81 23.42 -6.58
CA PHE B 114 2.15 22.89 -6.20
C PHE B 114 3.11 24.06 -6.01
N CYS B 115 4.26 23.79 -5.40
CA CYS B 115 5.17 24.85 -4.95
C CYS B 115 5.80 25.52 -6.18
N SER B 116 5.86 24.84 -7.32
CA SER B 116 6.33 25.43 -8.61
C SER B 116 5.32 26.46 -9.13
N GLY B 117 4.10 26.52 -8.59
CA GLY B 117 2.99 27.36 -9.08
C GLY B 117 2.11 26.60 -10.06
N LEU B 118 2.56 25.39 -10.45
CA LEU B 118 1.80 24.47 -11.32
C LEU B 118 0.43 24.21 -10.68
N VAL B 119 -0.63 24.44 -11.44
CA VAL B 119 -2.03 24.13 -11.07
C VAL B 119 -2.45 22.87 -11.84
N LEU B 120 -2.97 21.88 -11.11
CA LEU B 120 -3.48 20.60 -11.65
C LEU B 120 -4.86 20.41 -11.02
N HIS B 121 -5.81 19.94 -11.81
CA HIS B 121 -7.15 19.55 -11.33
C HIS B 121 -6.99 18.25 -10.54
N ARG B 122 -7.92 17.96 -9.60
CA ARG B 122 -8.05 16.66 -8.89
C ARG B 122 -7.92 15.51 -9.89
N LEU B 123 -8.66 15.59 -11.00
CA LEU B 123 -8.79 14.50 -12.00
C LEU B 123 -7.47 14.33 -12.73
N GLN B 124 -6.60 15.33 -12.81
CA GLN B 124 -5.27 15.14 -13.47
C GLN B 124 -4.29 14.50 -12.47
N CYS B 125 -4.60 14.55 -11.19
CA CYS B 125 -3.70 14.02 -10.12
C CYS B 125 -4.08 12.59 -9.77
N ALA B 126 -5.33 12.16 -10.02
CA ALA B 126 -5.93 10.88 -9.57
C ALA B 126 -5.11 9.68 -10.07
N ARG B 127 -4.59 9.74 -11.28
CA ARG B 127 -3.83 8.65 -11.91
C ARG B 127 -2.50 8.49 -11.15
N GLY B 128 -1.74 9.54 -10.96
CA GLY B 128 -0.39 9.43 -10.35
C GLY B 128 -0.49 9.13 -8.85
N PHE B 129 -1.36 9.87 -8.17
CA PHE B 129 -1.47 9.95 -6.68
C PHE B 129 -2.42 8.89 -6.15
N GLY B 130 -3.38 8.42 -6.95
CA GLY B 130 -4.49 7.56 -6.49
C GLY B 130 -5.40 8.31 -5.50
N ASP B 131 -6.11 7.57 -4.64
CA ASP B 131 -6.95 8.04 -3.50
C ASP B 131 -6.33 9.19 -2.69
N TRP B 132 -5.01 9.18 -2.53
CA TRP B 132 -4.28 10.05 -1.60
C TRP B 132 -4.63 11.52 -1.91
N ILE B 133 -4.72 11.90 -3.19
CA ILE B 133 -4.96 13.31 -3.59
C ILE B 133 -6.33 13.77 -3.07
N ASP B 134 -7.30 12.86 -3.04
CA ASP B 134 -8.67 13.16 -2.54
C ASP B 134 -8.61 13.28 -1.02
N SER B 135 -7.83 12.45 -0.33
CA SER B 135 -7.67 12.59 1.14
C SER B 135 -6.97 13.93 1.45
N ILE B 136 -5.99 14.36 0.65
CA ILE B 136 -5.25 15.65 0.84
C ILE B 136 -6.25 16.82 0.65
N LEU B 137 -7.08 16.80 -0.39
CA LEU B 137 -8.15 17.83 -0.58
C LEU B 137 -9.13 17.82 0.60
N ALA B 138 -9.58 16.69 1.10
CA ALA B 138 -10.42 16.67 2.34
C ALA B 138 -9.68 17.40 3.47
N PHE B 139 -8.37 17.18 3.62
CA PHE B 139 -7.55 17.82 4.69
C PHE B 139 -7.45 19.33 4.42
N SER B 140 -7.27 19.73 3.16
CA SER B 140 -7.28 21.13 2.70
C SER B 140 -8.60 21.80 3.13
N ARG B 141 -9.74 21.16 2.94
CA ARG B 141 -11.05 21.71 3.41
C ARG B 141 -11.03 21.89 4.95
N SER B 142 -10.61 20.88 5.72
CA SER B 142 -10.53 21.03 7.19
C SER B 142 -9.53 22.15 7.59
N LEU B 143 -8.38 22.26 6.93
CA LEU B 143 -7.34 23.27 7.25
C LEU B 143 -7.91 24.68 7.00
N HIS B 144 -8.47 24.94 5.81
CA HIS B 144 -9.00 26.27 5.40
C HIS B 144 -10.11 26.73 6.37
N SER B 145 -10.89 25.84 6.96
CA SER B 145 -12.03 26.22 7.83
C SER B 145 -11.53 26.65 9.22
N LEU B 146 -10.26 26.36 9.54
CA LEU B 146 -9.62 26.84 10.78
C LEU B 146 -9.14 28.29 10.59
N LEU B 147 -9.00 28.77 9.35
CA LEU B 147 -8.54 30.14 9.02
C LEU B 147 -7.22 30.41 9.76
N VAL B 148 -6.20 29.60 9.49
CA VAL B 148 -4.82 29.77 10.03
C VAL B 148 -4.16 30.90 9.25
N ASP B 149 -3.77 31.98 9.95
CA ASP B 149 -3.07 33.16 9.37
C ASP B 149 -1.65 32.72 8.97
N VAL B 150 -1.04 33.46 8.05
CA VAL B 150 0.26 33.12 7.44
C VAL B 150 1.33 32.97 8.52
N PRO B 151 1.45 33.91 9.50
CA PRO B 151 2.48 33.76 10.53
C PRO B 151 2.31 32.50 11.36
N ALA B 152 1.09 32.16 11.76
CA ALA B 152 0.81 30.94 12.57
C ALA B 152 1.23 29.71 11.74
N PHE B 153 0.94 29.71 10.44
CA PHE B 153 1.27 28.57 9.56
C PHE B 153 2.80 28.47 9.39
N ALA B 154 3.49 29.62 9.29
CA ALA B 154 4.95 29.71 9.07
C ALA B 154 5.66 29.18 10.30
N CYS B 155 5.06 29.33 11.49
CA CYS B 155 5.54 28.73 12.75
C CYS B 155 5.26 27.23 12.79
N LEU B 156 4.02 26.81 12.52
CA LEU B 156 3.60 25.40 12.65
C LEU B 156 4.43 24.55 11.72
N SER B 157 4.58 24.96 10.47
CA SER B 157 5.36 24.21 9.45
C SER B 157 6.79 24.01 9.97
N ALA B 158 7.36 25.00 10.63
CA ALA B 158 8.73 24.94 11.17
C ALA B 158 8.76 24.00 12.36
N LEU B 159 7.67 23.95 13.11
CA LEU B 159 7.52 23.03 14.27
C LEU B 159 7.36 21.57 13.83
N VAL B 160 6.87 21.33 12.61
CA VAL B 160 6.71 19.95 12.04
C VAL B 160 8.12 19.43 11.71
N LEU B 161 8.98 20.28 11.19
CA LEU B 161 10.39 19.93 10.83
C LEU B 161 11.25 19.78 12.09
N ILE B 162 11.24 20.79 12.95
CA ILE B 162 12.20 20.97 14.08
C ILE B 162 11.55 20.29 15.29
N THR B 163 11.81 19.00 15.42
CA THR B 163 11.18 18.15 16.45
C THR B 163 12.15 17.01 16.75
N ASP B 164 11.95 16.36 17.90
CA ASP B 164 12.61 15.10 18.27
C ASP B 164 12.45 14.08 17.15
N ARG B 165 13.54 13.38 16.82
CA ARG B 165 13.53 12.19 15.92
C ARG B 165 14.55 11.24 16.51
N HIS B 166 14.30 9.95 16.41
CA HIS B 166 15.30 8.90 16.72
C HIS B 166 16.51 9.17 15.80
N GLY B 167 17.73 9.17 16.34
CA GLY B 167 18.98 9.20 15.58
C GLY B 167 19.59 10.58 15.40
N LEU B 168 18.98 11.63 15.95
CA LEU B 168 19.59 13.00 16.06
C LEU B 168 20.92 12.91 16.85
N GLN B 169 21.95 13.60 16.37
CA GLN B 169 23.25 13.71 17.07
C GLN B 169 23.10 14.70 18.22
N GLU B 170 22.31 15.76 18.01
CA GLU B 170 22.23 16.90 18.97
C GLU B 170 20.76 17.16 19.30
N PRO B 171 20.04 16.15 19.84
CA PRO B 171 18.62 16.30 20.15
C PRO B 171 18.35 17.54 21.02
N ARG B 172 19.30 17.92 21.89
CA ARG B 172 19.15 19.08 22.82
C ARG B 172 19.09 20.36 22.01
N ARG B 173 19.94 20.53 20.98
CA ARG B 173 19.93 21.78 20.16
C ARG B 173 18.63 21.84 19.34
N VAL B 174 18.14 20.69 18.91
CA VAL B 174 16.86 20.64 18.14
C VAL B 174 15.73 21.02 19.08
N GLU B 175 15.69 20.50 20.31
CA GLU B 175 14.69 20.91 21.34
C GLU B 175 14.78 22.41 21.66
N GLU B 176 15.99 22.97 21.80
CA GLU B 176 16.10 24.44 22.08
C GLU B 176 15.49 25.21 20.93
N LEU B 177 15.78 24.85 19.68
CA LEU B 177 15.26 25.60 18.51
C LEU B 177 13.72 25.43 18.48
N GLN B 178 13.20 24.23 18.72
CA GLN B 178 11.74 23.93 18.90
C GLN B 178 11.15 24.87 19.97
N ASN B 179 11.73 24.89 21.18
CA ASN B 179 11.33 25.79 22.30
C ASN B 179 11.21 27.23 21.76
N ARG B 180 12.23 27.75 21.07
CA ARG B 180 12.22 29.15 20.53
C ARG B 180 11.06 29.36 19.56
N ILE B 181 10.76 28.38 18.70
CA ILE B 181 9.76 28.58 17.62
C ILE B 181 8.37 28.53 18.28
N ALA B 182 8.17 27.65 19.25
CA ALA B 182 6.94 27.55 20.09
C ALA B 182 6.66 28.89 20.77
N SER B 183 7.65 29.47 21.45
CA SER B 183 7.58 30.80 22.13
C SER B 183 7.19 31.87 21.11
N CYS B 184 7.82 31.86 19.95
CA CYS B 184 7.54 32.80 18.83
C CYS B 184 6.04 32.68 18.44
N LEU B 185 5.51 31.44 18.38
CA LEU B 185 4.11 31.17 17.91
C LEU B 185 3.11 31.62 19.00
N LYS B 186 3.35 31.26 20.26
CA LYS B 186 2.46 31.59 21.40
C LYS B 186 2.31 33.12 21.50
N GLU B 187 3.44 33.84 21.45
CA GLU B 187 3.52 35.33 21.58
C GLU B 187 2.88 35.98 20.34
N HIS B 188 2.75 35.29 19.19
CA HIS B 188 2.02 35.80 17.98
C HIS B 188 0.49 35.64 18.13
N VAL B 189 0.00 34.50 18.62
CA VAL B 189 -1.48 34.28 18.78
C VAL B 189 -1.99 35.20 19.89
N ALA B 190 -1.20 35.44 20.94
CA ALA B 190 -1.47 36.43 22.02
C ALA B 190 -1.55 37.85 21.43
N ALA B 191 -0.71 38.19 20.44
CA ALA B 191 -0.57 39.53 19.84
C ALA B 191 -1.75 39.88 18.91
N VAL B 192 -2.71 38.98 18.70
CA VAL B 192 -4.01 39.31 18.04
C VAL B 192 -5.18 38.93 18.97
N ALA B 193 -4.92 38.74 20.27
CA ALA B 193 -5.92 38.47 21.32
C ALA B 193 -5.30 38.76 22.70
N SER B 203 -4.98 24.93 19.62
CA SER B 203 -5.26 23.53 20.06
C SER B 203 -6.17 22.81 19.06
N ARG B 204 -6.93 23.55 18.24
CA ARG B 204 -7.78 22.99 17.15
C ARG B 204 -6.90 22.71 15.93
N LEU B 205 -5.98 23.63 15.64
CA LEU B 205 -4.99 23.54 14.52
C LEU B 205 -4.12 22.32 14.75
N LEU B 206 -4.00 21.93 16.03
CA LEU B 206 -3.03 20.94 16.53
C LEU B 206 -3.74 19.61 16.85
N GLY B 207 -5.04 19.52 16.59
CA GLY B 207 -5.83 18.26 16.63
C GLY B 207 -5.97 17.64 15.24
N LYS B 208 -5.42 18.27 14.21
CA LYS B 208 -5.40 17.78 12.79
C LYS B 208 -3.97 17.35 12.45
N LEU B 209 -3.09 17.29 13.45
CA LEU B 209 -1.68 16.84 13.27
C LEU B 209 -1.62 15.32 13.30
N PRO B 210 -2.48 14.62 14.08
CA PRO B 210 -2.73 13.20 13.86
C PRO B 210 -3.37 12.86 12.51
N GLU B 211 -4.30 13.67 12.00
CA GLU B 211 -4.91 13.51 10.64
C GLU B 211 -3.78 13.60 9.58
N LEU B 212 -2.85 14.52 9.79
CA LEU B 212 -1.64 14.73 8.95
C LEU B 212 -0.72 13.50 9.02
N ARG B 213 -0.64 12.83 10.17
CA ARG B 213 0.19 11.60 10.32
C ARG B 213 -0.40 10.50 9.43
N THR B 214 -1.71 10.28 9.50
CA THR B 214 -2.45 9.34 8.64
C THR B 214 -2.19 9.66 7.15
N LEU B 215 -2.17 10.92 6.76
CA LEU B 215 -1.99 11.31 5.34
C LEU B 215 -0.56 10.97 4.93
N CYS B 216 0.40 11.03 5.85
CA CYS B 216 1.79 10.59 5.57
C CYS B 216 1.86 9.08 5.28
N THR B 217 1.19 8.28 6.10
CA THR B 217 1.09 6.82 5.92
C THR B 217 0.56 6.56 4.52
N GLN B 218 -0.53 7.23 4.10
CA GLN B 218 -1.16 7.03 2.78
C GLN B 218 -0.15 7.33 1.67
N GLY B 219 0.69 8.34 1.88
CA GLY B 219 1.76 8.74 0.97
C GLY B 219 2.76 7.63 0.81
N LEU B 220 3.12 6.99 1.93
CA LEU B 220 4.11 5.87 1.96
C LEU B 220 3.45 4.67 1.25
N GLN B 221 2.15 4.43 1.48
CA GLN B 221 1.42 3.29 0.87
C GLN B 221 1.41 3.52 -0.64
N ARG B 222 1.21 4.75 -1.09
CA ARG B 222 1.15 5.02 -2.55
C ARG B 222 2.53 4.74 -3.19
N ILE B 223 3.62 5.18 -2.54
CA ILE B 223 5.00 4.96 -3.09
C ILE B 223 5.29 3.46 -3.12
N PHE B 224 4.94 2.72 -2.07
CA PHE B 224 5.09 1.25 -2.03
C PHE B 224 4.42 0.67 -3.26
N TYR B 225 3.15 1.02 -3.50
CA TYR B 225 2.38 0.50 -4.66
C TYR B 225 3.14 0.84 -5.93
N LEU B 226 3.57 2.09 -6.08
CA LEU B 226 4.21 2.53 -7.33
C LEU B 226 5.56 1.81 -7.46
N LYS B 227 6.25 1.48 -6.36
CA LYS B 227 7.58 0.80 -6.47
C LYS B 227 7.35 -0.67 -6.86
N LEU B 228 6.33 -1.31 -6.28
CA LEU B 228 5.84 -2.65 -6.70
C LEU B 228 5.62 -2.66 -8.22
N GLU B 229 4.85 -1.69 -8.71
CA GLU B 229 4.44 -1.61 -10.13
C GLU B 229 5.66 -1.25 -11.00
N ASP B 230 6.48 -0.29 -10.58
CA ASP B 230 7.80 0.03 -11.16
C ASP B 230 7.65 0.43 -12.62
N LEU B 231 6.66 1.24 -12.99
CA LEU B 231 6.57 1.71 -14.38
C LEU B 231 7.83 2.51 -14.72
N VAL B 232 8.19 3.44 -13.82
CA VAL B 232 9.48 4.19 -13.74
C VAL B 232 9.96 4.14 -12.29
N PRO B 233 11.27 4.04 -12.03
CA PRO B 233 11.76 3.85 -10.67
C PRO B 233 11.67 5.19 -9.96
N PRO B 234 11.57 5.19 -8.61
CA PRO B 234 11.55 6.44 -7.86
C PRO B 234 12.90 7.14 -8.03
N PRO B 235 12.96 8.48 -7.95
CA PRO B 235 14.24 9.19 -7.88
C PRO B 235 15.00 8.74 -6.64
N PRO B 236 16.35 8.57 -6.71
CA PRO B 236 17.10 8.05 -5.57
C PRO B 236 16.79 8.74 -4.22
N ILE B 237 16.63 10.06 -4.25
CA ILE B 237 16.48 10.95 -3.05
C ILE B 237 15.14 10.64 -2.37
N ILE B 238 14.07 10.51 -3.15
CA ILE B 238 12.71 10.11 -2.66
C ILE B 238 12.78 8.66 -2.18
N ASP B 239 13.41 7.79 -2.96
CA ASP B 239 13.53 6.36 -2.60
C ASP B 239 14.22 6.24 -1.22
N LYS B 240 15.24 7.05 -0.95
CA LYS B 240 16.00 6.95 0.32
C LYS B 240 15.07 7.37 1.46
N ILE B 241 14.31 8.45 1.29
CA ILE B 241 13.32 8.93 2.31
C ILE B 241 12.35 7.79 2.58
N PHE B 242 11.83 7.16 1.53
CA PHE B 242 10.88 6.02 1.66
C PHE B 242 11.55 4.92 2.48
N MET B 243 12.71 4.42 2.01
CA MET B 243 13.41 3.31 2.71
C MET B 243 13.77 3.75 4.14
N ASP B 244 14.25 4.99 4.36
CA ASP B 244 14.75 5.39 5.71
C ASP B 244 13.60 5.57 6.70
N THR B 245 12.38 5.87 6.24
CA THR B 245 11.19 6.06 7.12
C THR B 245 10.56 4.74 7.54
N LEU B 246 10.80 3.68 6.78
CA LEU B 246 10.25 2.33 7.07
C LEU B 246 11.16 1.65 8.10
N PRO B 247 10.67 1.30 9.32
CA PRO B 247 11.42 0.40 10.20
C PRO B 247 11.47 -1.06 9.69
N PHE B 248 12.21 -1.31 8.60
CA PHE B 248 12.44 -2.64 7.97
C PHE B 248 13.02 -2.49 6.55
C1 GOL C . -11.22 -29.31 -0.69
O1 GOL C . -12.04 -29.60 -1.83
C2 GOL C . -9.94 -28.62 -1.10
O2 GOL C . -9.74 -28.83 -2.49
C3 GOL C . -9.92 -27.14 -0.80
O3 GOL C . -8.73 -26.49 -1.29
C8 A1D72 D . 2.59 29.63 -2.57
N7 A1D72 D . -11.21 28.01 0.23
C5 A1D72 D . 3.15 28.23 0.82
C6 A1D72 D . 2.59 28.90 -0.33
N6 A1D72 D . -8.20 30.65 -0.60
N1 A1D72 D . 5.51 27.52 3.66
C2 A1D72 D . 4.52 27.74 2.75
N3 A1D72 D . 1.36 30.16 -2.45
C4 A1D72 D . 1.33 26.73 1.83
C1 A1D72 D . 5.46 26.64 4.83
N2 A1D72 D . 3.24 27.82 3.06
C3 A1D72 D . 2.53 27.65 1.89
C7 A1D72 D . 3.25 28.98 -1.53
C9 A1D72 D . 0.76 30.01 -1.24
N4 A1D72 D . -0.46 30.54 -0.96
C10 A1D72 D . -1.69 30.68 -1.66
C11 A1D72 D . -1.82 30.89 -3.04
C12 A1D72 D . -3.08 31.04 -3.60
C13 A1D72 D . -4.19 31.00 -2.75
N5 A1D72 D . -5.52 31.12 -3.02
C14 A1D72 D . -6.23 31.01 -1.85
C15 A1D72 D . -7.71 31.06 -1.77
O1 A1D72 D . -8.40 31.45 -2.71
C16 A1D72 D . -9.53 30.96 -0.10
C17 A1D72 D . -9.95 30.04 1.03
C18 A1D72 D . -11.30 29.35 0.84
C19 A1D72 D . -10.43 27.98 -1.01
C20 A1D72 D . -11.29 27.74 -2.21
O2 A1D72 D . -11.87 26.45 -2.15
C21 A1D72 D . -12.57 26.26 -0.92
C22 A1D72 D . -12.56 27.48 -0.01
C23 A1D72 D . -5.36 30.81 -0.81
C24 A1D72 D . -4.04 30.81 -1.36
C25 A1D72 D . -2.77 30.65 -0.81
N8 A1D72 D . 1.34 29.40 -0.18
S1 A1D72 D . 4.85 27.97 1.02
#